data_5TE9
#
_entry.id   5TE9
#
_cell.length_a   57.390
_cell.length_b   103.840
_cell.length_c   55.470
_cell.angle_alpha   90.000
_cell.angle_beta   90.000
_cell.angle_gamma   90.000
#
_symmetry.space_group_name_H-M   'C 2 2 21'
#
loop_
_entity.id
_entity.type
_entity.pdbx_description
1 polymer 'Response regulator receiver protein'
2 water water
#
_entity_poly.entity_id   1
_entity_poly.type   'polypeptide(L)'
_entity_poly.pdbx_seq_one_letter_code
;MAHHHHHHMPTQAVDDLIHILLVEDSPTDVMITREAFDYYKLLNPLHVAGDGVAAMEFLRREGQHSDAPRPGLIILDLNL
PKKSGREVLQELKADPDLMKIPVVVLTTSKSEEDVARTYGLHANCYITKPVDFTRFVEVVRRISDFWFGVVTLPPARS
;
_entity_poly.pdbx_strand_id   A
#
# COMPACT_ATOMS: atom_id res chain seq x y z
N ASP A 16 -10.32 3.51 -12.35
CA ASP A 16 -8.91 3.70 -12.10
C ASP A 16 -8.66 5.02 -11.42
N LEU A 17 -9.67 5.53 -10.72
CA LEU A 17 -9.49 6.83 -10.09
C LEU A 17 -8.50 6.76 -8.93
N ILE A 18 -8.49 5.69 -8.15
CA ILE A 18 -7.77 5.73 -6.88
C ILE A 18 -6.28 5.46 -7.09
N HIS A 19 -5.46 6.30 -6.47
CA HIS A 19 -4.02 6.11 -6.46
C HIS A 19 -3.63 5.16 -5.34
N ILE A 20 -2.52 4.47 -5.54
CA ILE A 20 -2.02 3.45 -4.64
C ILE A 20 -0.67 3.91 -4.12
N LEU A 21 -0.49 3.86 -2.79
CA LEU A 21 0.77 4.23 -2.15
C LEU A 21 1.43 2.98 -1.56
N LEU A 22 2.60 2.65 -2.06
CA LEU A 22 3.32 1.47 -1.64
C LEU A 22 4.48 1.94 -0.79
N VAL A 23 4.46 1.59 0.48
CA VAL A 23 5.48 1.95 1.44
C VAL A 23 6.29 0.68 1.66
N GLU A 24 7.36 0.53 0.90
CA GLU A 24 8.19 -0.67 0.98
C GLU A 24 9.63 -0.27 0.76
N ASP A 25 10.53 -0.81 1.58
CA ASP A 25 11.94 -0.47 1.46
C ASP A 25 12.69 -1.36 0.48
N SER A 26 12.23 -2.58 0.23
CA SER A 26 12.99 -3.50 -0.61
C SER A 26 12.89 -3.09 -2.07
N PRO A 27 14.00 -2.72 -2.73
CA PRO A 27 13.93 -2.36 -4.15
C PRO A 27 13.54 -3.53 -5.03
N THR A 28 13.99 -4.74 -4.71
CA THR A 28 13.53 -5.93 -5.43
C THR A 28 12.02 -6.06 -5.34
N ASP A 29 11.46 -5.88 -4.13
CA ASP A 29 10.02 -6.06 -3.94
C ASP A 29 9.23 -4.90 -4.57
N VAL A 30 9.77 -3.68 -4.51
CA VAL A 30 9.13 -2.58 -5.24
C VAL A 30 9.13 -2.88 -6.74
N MET A 31 10.22 -3.48 -7.24
CA MET A 31 10.31 -3.81 -8.65
C MET A 31 9.22 -4.80 -9.06
N ILE A 32 8.95 -5.80 -8.23
CA ILE A 32 7.93 -6.80 -8.52
C ILE A 32 6.56 -6.15 -8.69
N THR A 33 6.23 -5.21 -7.81
CA THR A 33 4.93 -4.57 -7.91
C THR A 33 4.85 -3.65 -9.13
N ARG A 34 5.92 -2.90 -9.42
CA ARG A 34 5.92 -2.02 -10.57
C ARG A 34 5.69 -2.78 -11.86
N GLU A 35 6.43 -3.89 -12.03
CA GLU A 35 6.29 -4.69 -13.24
C GLU A 35 4.95 -5.38 -13.31
N ALA A 36 4.39 -5.78 -12.17
CA ALA A 36 3.05 -6.38 -12.14
C ALA A 36 2.01 -5.39 -12.65
N PHE A 37 2.00 -4.17 -12.08
CA PHE A 37 1.12 -3.10 -12.55
C PHE A 37 1.35 -2.80 -14.03
N ASP A 38 2.60 -2.88 -14.47
CA ASP A 38 2.93 -2.58 -15.86
C ASP A 38 2.46 -3.69 -16.79
N TYR A 39 2.88 -4.93 -16.54
CA TYR A 39 2.60 -6.02 -17.47
C TYR A 39 1.12 -6.33 -17.52
N TYR A 40 0.38 -6.19 -16.42
CA TYR A 40 -1.04 -6.51 -16.42
C TYR A 40 -1.93 -5.28 -16.60
N LYS A 41 -1.35 -4.14 -16.96
CA LYS A 41 -2.12 -2.99 -17.44
C LYS A 41 -3.06 -2.44 -16.38
N LEU A 42 -2.53 -2.28 -15.17
CA LEU A 42 -3.26 -1.55 -14.15
C LEU A 42 -3.11 -0.07 -14.41
N LEU A 43 -4.22 0.63 -14.51
CA LEU A 43 -4.15 2.06 -14.71
C LEU A 43 -3.93 2.84 -13.42
N ASN A 44 -4.07 2.22 -12.27
CA ASN A 44 -4.06 2.96 -11.01
C ASN A 44 -2.67 3.52 -10.76
N PRO A 45 -2.50 4.85 -10.68
CA PRO A 45 -1.17 5.40 -10.36
C PRO A 45 -0.57 4.74 -9.14
N LEU A 46 0.62 4.18 -9.28
CA LEU A 46 1.35 3.58 -8.18
C LEU A 46 2.42 4.54 -7.69
N HIS A 47 2.33 4.92 -6.42
CA HIS A 47 3.34 5.77 -5.79
C HIS A 47 4.12 4.98 -4.75
N VAL A 48 5.38 5.35 -4.56
CA VAL A 48 6.30 4.56 -3.73
C VAL A 48 6.99 5.48 -2.74
N ALA A 49 7.02 5.07 -1.47
CA ALA A 49 7.85 5.69 -0.45
C ALA A 49 8.73 4.60 0.15
N GLY A 50 10.02 4.89 0.29
CA GLY A 50 10.99 3.91 0.73
C GLY A 50 11.25 3.88 2.22
N ASP A 51 10.62 4.74 3.00
CA ASP A 51 10.76 4.73 4.45
C ASP A 51 9.57 5.48 5.05
N GLY A 52 9.43 5.36 6.37
CA GLY A 52 8.27 5.92 7.05
C GLY A 52 8.19 7.43 6.97
N VAL A 53 9.33 8.11 7.08
CA VAL A 53 9.35 9.57 7.02
C VAL A 53 8.86 10.07 5.67
N ALA A 54 9.28 9.42 4.59
CA ALA A 54 8.75 9.79 3.28
C ALA A 54 7.28 9.46 3.16
N ALA A 55 6.82 8.39 3.81
CA ALA A 55 5.41 8.01 3.72
C ALA A 55 4.52 9.06 4.36
N MET A 56 4.90 9.55 5.54
CA MET A 56 4.14 10.62 6.15
C MET A 56 4.27 11.93 5.39
N GLU A 57 5.41 12.16 4.75
CA GLU A 57 5.55 13.33 3.88
C GLU A 57 4.55 13.27 2.74
N PHE A 58 4.32 12.08 2.20
CA PHE A 58 3.34 11.89 1.13
C PHE A 58 1.93 12.14 1.63
N LEU A 59 1.53 11.44 2.69
CA LEU A 59 0.17 11.57 3.20
C LEU A 59 -0.14 13.02 3.57
N ARG A 60 0.73 13.64 4.36
CA ARG A 60 0.51 15.02 4.75
C ARG A 60 0.72 15.99 3.61
N ARG A 61 1.28 15.52 2.50
CA ARG A 61 1.52 16.34 1.30
C ARG A 61 2.38 17.54 1.65
N GLU A 62 3.54 17.26 2.22
CA GLU A 62 4.49 18.25 2.70
C GLU A 62 5.84 18.07 2.02
N GLY A 63 6.60 19.16 1.93
CA GLY A 63 7.95 19.06 1.40
C GLY A 63 7.93 18.75 -0.08
N GLN A 64 8.71 17.73 -0.46
CA GLN A 64 8.79 17.34 -1.86
C GLN A 64 7.45 16.81 -2.38
N HIS A 65 6.62 16.27 -1.49
CA HIS A 65 5.33 15.73 -1.85
C HIS A 65 4.21 16.74 -1.63
N SER A 66 4.52 18.03 -1.75
CA SER A 66 3.51 19.06 -1.51
C SER A 66 2.31 18.94 -2.45
N ASP A 67 2.46 18.27 -3.59
CA ASP A 67 1.38 18.07 -4.53
C ASP A 67 1.06 16.58 -4.73
N ALA A 68 1.28 15.77 -3.71
CA ALA A 68 0.90 14.37 -3.79
C ALA A 68 -0.62 14.26 -3.86
N PRO A 69 -1.13 13.25 -4.55
CA PRO A 69 -2.56 12.95 -4.48
C PRO A 69 -2.84 12.08 -3.26
N ARG A 70 -4.01 12.28 -2.66
CA ARG A 70 -4.47 11.37 -1.61
C ARG A 70 -4.52 9.96 -2.18
N PRO A 71 -3.91 8.98 -1.53
CA PRO A 71 -4.10 7.59 -1.96
C PRO A 71 -5.46 7.07 -1.52
N GLY A 72 -5.94 6.08 -2.29
CA GLY A 72 -7.17 5.38 -1.97
C GLY A 72 -6.83 4.02 -1.39
N LEU A 73 -5.56 3.63 -1.52
CA LEU A 73 -5.07 2.41 -0.90
C LEU A 73 -3.62 2.62 -0.50
N ILE A 74 -3.29 2.22 0.73
CA ILE A 74 -1.93 2.25 1.25
C ILE A 74 -1.51 0.82 1.50
N ILE A 75 -0.36 0.43 0.97
CA ILE A 75 0.24 -0.88 1.19
C ILE A 75 1.53 -0.68 1.94
N LEU A 76 1.64 -1.26 3.14
CA LEU A 76 2.58 -0.83 4.16
C LEU A 76 3.39 -2.01 4.66
N ASP A 77 4.69 -1.97 4.42
CA ASP A 77 5.63 -2.85 5.07
C ASP A 77 5.86 -2.36 6.50
N LEU A 78 6.30 -3.27 7.36
CA LEU A 78 6.65 -2.92 8.73
C LEU A 78 8.13 -2.62 8.90
N ASN A 79 8.99 -3.31 8.15
CA ASN A 79 10.43 -3.05 8.13
C ASN A 79 10.74 -1.78 7.36
N LEU A 80 10.71 -0.62 8.01
CA LEU A 80 11.02 0.63 7.35
C LEU A 80 12.14 1.37 8.08
N PRO A 81 13.19 1.82 7.37
CA PRO A 81 14.20 2.66 8.01
C PRO A 81 13.64 4.02 8.35
N LYS A 82 14.36 4.73 9.24
CA LYS A 82 14.08 6.12 9.62
C LYS A 82 12.78 6.29 10.41
N LYS A 83 11.73 5.58 10.02
CA LYS A 83 10.44 5.63 10.72
C LYS A 83 9.72 4.33 10.43
N SER A 84 9.27 3.66 11.48
CA SER A 84 8.87 2.27 11.37
C SER A 84 7.54 2.13 10.66
N GLY A 85 7.20 0.88 10.34
CA GLY A 85 5.86 0.60 9.83
C GLY A 85 4.82 0.91 10.89
N ARG A 86 5.10 0.56 12.14
CA ARG A 86 4.16 0.82 13.23
C ARG A 86 3.94 2.31 13.42
N GLU A 87 5.00 3.11 13.40
CA GLU A 87 4.82 4.56 13.54
C GLU A 87 3.90 5.11 12.44
N VAL A 88 4.10 4.67 11.20
CA VAL A 88 3.28 5.17 10.10
C VAL A 88 1.80 4.85 10.35
N LEU A 89 1.51 3.59 10.67
CA LEU A 89 0.13 3.18 10.94
C LEU A 89 -0.47 3.96 12.12
N GLN A 90 0.30 4.12 13.20
CA GLN A 90 -0.22 4.85 14.37
C GLN A 90 -0.52 6.30 14.03
N GLU A 91 0.32 6.92 13.20
CA GLU A 91 0.07 8.31 12.85
C GLU A 91 -1.10 8.41 11.89
N LEU A 92 -1.31 7.37 11.08
CA LEU A 92 -2.45 7.31 10.18
C LEU A 92 -3.77 7.31 10.95
N LYS A 93 -3.93 6.36 11.87
CA LYS A 93 -5.18 6.22 12.59
C LYS A 93 -5.43 7.35 13.59
N ALA A 94 -4.41 8.12 13.95
CA ALA A 94 -4.66 9.32 14.73
C ALA A 94 -5.39 10.37 13.90
N ASP A 95 -4.97 10.54 12.66
CA ASP A 95 -5.45 11.65 11.84
C ASP A 95 -6.90 11.40 11.43
N PRO A 96 -7.84 12.28 11.75
CA PRO A 96 -9.25 12.03 11.39
C PRO A 96 -9.48 11.87 9.90
N ASP A 97 -8.55 12.32 9.06
CA ASP A 97 -8.68 12.17 7.62
C ASP A 97 -7.94 10.93 7.11
N LEU A 98 -6.66 10.79 7.44
CA LEU A 98 -5.86 9.67 6.96
C LEU A 98 -6.36 8.33 7.49
N MET A 99 -7.10 8.33 8.60
CA MET A 99 -7.54 7.08 9.18
C MET A 99 -8.52 6.34 8.27
N LYS A 100 -9.24 7.07 7.43
CA LYS A 100 -10.25 6.44 6.60
C LYS A 100 -9.65 5.65 5.45
N ILE A 101 -8.36 5.81 5.17
CA ILE A 101 -7.75 5.24 3.97
C ILE A 101 -7.46 3.76 4.21
N PRO A 102 -7.80 2.88 3.27
CA PRO A 102 -7.54 1.45 3.44
C PRO A 102 -6.05 1.13 3.49
N VAL A 103 -5.67 0.29 4.44
CA VAL A 103 -4.28 -0.07 4.69
C VAL A 103 -4.17 -1.59 4.63
N VAL A 104 -3.22 -2.06 3.82
CA VAL A 104 -2.82 -3.46 3.79
C VAL A 104 -1.41 -3.53 4.35
N VAL A 105 -1.21 -4.39 5.34
CA VAL A 105 0.10 -4.57 5.96
C VAL A 105 0.79 -5.76 5.32
N LEU A 106 2.04 -5.56 4.94
CA LEU A 106 2.81 -6.64 4.34
C LEU A 106 3.44 -7.50 5.43
N THR A 107 3.25 -8.80 5.32
CA THR A 107 3.93 -9.76 6.17
C THR A 107 4.95 -10.50 5.33
N THR A 108 5.93 -11.09 5.99
CA THR A 108 6.98 -11.76 5.24
C THR A 108 6.72 -13.25 5.06
N SER A 109 5.68 -13.78 5.70
CA SER A 109 5.40 -15.20 5.63
C SER A 109 3.93 -15.42 5.93
N LYS A 110 3.30 -16.33 5.17
CA LYS A 110 1.92 -16.70 5.42
C LYS A 110 1.71 -17.10 6.87
N SER A 111 2.73 -17.71 7.49
CA SER A 111 2.65 -18.00 8.92
C SER A 111 2.54 -16.71 9.72
N GLU A 112 3.43 -15.74 9.46
CA GLU A 112 3.31 -14.42 10.07
C GLU A 112 1.96 -13.78 9.74
N GLU A 113 1.40 -14.09 8.57
CA GLU A 113 0.12 -13.54 8.20
C GLU A 113 -1.00 -14.09 9.08
N ASP A 114 -0.89 -15.36 9.49
CA ASP A 114 -1.87 -15.90 10.42
C ASP A 114 -1.77 -15.21 11.76
N VAL A 115 -0.54 -14.89 12.20
CA VAL A 115 -0.36 -14.21 13.45
C VAL A 115 -0.88 -12.78 13.36
N ALA A 116 -0.58 -12.10 12.27
CA ALA A 116 -0.95 -10.70 12.15
C ALA A 116 -2.47 -10.51 12.16
N ARG A 117 -3.21 -11.41 11.52
CA ARG A 117 -4.66 -11.22 11.50
C ARG A 117 -5.29 -11.52 12.84
N THR A 118 -4.73 -12.47 13.59
CA THR A 118 -5.21 -12.78 14.92
C THR A 118 -5.28 -11.54 15.80
N TYR A 119 -4.34 -10.58 15.62
CA TYR A 119 -4.22 -9.46 16.54
C TYR A 119 -4.27 -8.07 15.93
N GLY A 120 -4.47 -7.93 14.61
CA GLY A 120 -4.58 -6.61 14.03
C GLY A 120 -5.93 -5.94 14.25
N ALA A 123 -8.59 -8.50 9.66
CA ALA A 123 -7.84 -9.71 9.34
C ALA A 123 -7.48 -9.74 7.86
N ASN A 124 -8.37 -9.18 7.05
CA ASN A 124 -8.18 -9.15 5.60
C ASN A 124 -7.09 -8.18 5.16
N CYS A 125 -6.74 -7.21 6.00
CA CYS A 125 -5.82 -6.15 5.62
C CYS A 125 -4.36 -6.59 5.74
N TYR A 126 -4.07 -7.86 5.48
CA TYR A 126 -2.73 -8.41 5.56
C TYR A 126 -2.52 -9.34 4.37
N ILE A 127 -1.39 -9.20 3.68
CA ILE A 127 -0.99 -10.13 2.65
C ILE A 127 0.51 -10.32 2.71
N THR A 128 0.96 -11.49 2.32
CA THR A 128 2.37 -11.79 2.32
C THR A 128 3.03 -11.10 1.13
N LYS A 129 4.21 -10.60 1.34
CA LYS A 129 4.89 -9.99 0.23
C LYS A 129 5.73 -11.03 -0.49
N PRO A 130 6.13 -10.79 -1.75
CA PRO A 130 5.96 -9.56 -2.53
C PRO A 130 4.58 -9.44 -3.12
N VAL A 131 4.23 -8.23 -3.52
CA VAL A 131 2.93 -7.96 -4.10
C VAL A 131 3.10 -8.04 -5.61
N ASP A 132 3.05 -9.25 -6.14
CA ASP A 132 2.85 -9.45 -7.57
C ASP A 132 1.37 -9.27 -7.89
N PHE A 133 1.00 -9.50 -9.16
CA PHE A 133 -0.36 -9.22 -9.57
C PHE A 133 -1.36 -10.16 -8.90
N THR A 134 -0.98 -11.42 -8.71
CA THR A 134 -1.85 -12.35 -8.00
C THR A 134 -2.19 -11.84 -6.61
N ARG A 135 -1.17 -11.53 -5.81
CA ARG A 135 -1.44 -11.05 -4.46
C ARG A 135 -2.24 -9.76 -4.50
N PHE A 136 -1.94 -8.88 -5.45
CA PHE A 136 -2.71 -7.64 -5.53
C PHE A 136 -4.16 -7.93 -5.86
N VAL A 137 -4.41 -8.96 -6.67
CA VAL A 137 -5.79 -9.32 -6.96
C VAL A 137 -6.47 -9.79 -5.67
N GLU A 138 -5.75 -10.54 -4.84
CA GLU A 138 -6.33 -10.97 -3.56
C GLU A 138 -6.59 -9.78 -2.64
N VAL A 139 -5.70 -8.79 -2.61
CA VAL A 139 -5.98 -7.58 -1.85
C VAL A 139 -7.32 -7.01 -2.27
N VAL A 140 -7.50 -6.82 -3.58
CA VAL A 140 -8.75 -6.26 -4.09
C VAL A 140 -9.93 -7.11 -3.64
N ARG A 141 -9.78 -8.44 -3.65
CA ARG A 141 -10.87 -9.31 -3.20
C ARG A 141 -11.19 -9.09 -1.73
N ARG A 142 -10.15 -8.94 -0.90
CA ARG A 142 -10.33 -8.87 0.54
C ARG A 142 -10.92 -7.54 1.01
N ILE A 143 -11.03 -6.55 0.15
CA ILE A 143 -11.44 -5.21 0.53
C ILE A 143 -12.78 -4.93 -0.12
N SER A 144 -13.80 -4.75 0.72
CA SER A 144 -15.19 -4.79 0.28
C SER A 144 -15.47 -3.79 -0.84
N ASP A 145 -15.02 -2.55 -0.68
CA ASP A 145 -15.45 -1.50 -1.59
C ASP A 145 -14.61 -1.41 -2.86
N PHE A 146 -13.66 -2.31 -3.07
CA PHE A 146 -12.80 -2.28 -4.25
C PHE A 146 -13.28 -3.27 -5.30
N TRP A 147 -13.21 -2.88 -6.57
CA TRP A 147 -13.65 -3.72 -7.67
C TRP A 147 -12.71 -3.57 -8.85
N PHE A 148 -12.57 -4.65 -9.63
CA PHE A 148 -11.89 -4.59 -10.91
C PHE A 148 -12.85 -4.21 -12.03
N GLY A 149 -12.39 -3.35 -12.92
CA GLY A 149 -13.11 -3.11 -14.14
C GLY A 149 -12.21 -3.04 -15.34
N VAL A 150 -12.65 -3.55 -16.48
CA VAL A 150 -11.90 -3.41 -17.72
C VAL A 150 -12.39 -2.16 -18.42
N VAL A 151 -11.47 -1.24 -18.71
CA VAL A 151 -11.82 0.02 -19.34
C VAL A 151 -11.18 0.10 -20.73
N THR A 152 -11.97 0.54 -21.69
CA THR A 152 -11.45 0.80 -23.01
C THR A 152 -10.85 2.21 -23.03
N LEU A 153 -9.80 2.37 -23.83
CA LEU A 153 -9.01 3.60 -23.83
C LEU A 153 -8.61 3.93 -25.26
N PRO A 154 -8.67 5.22 -25.64
CA PRO A 154 -8.21 5.78 -26.92
C PRO A 154 -6.89 5.20 -27.42
#